data_5UUH
#
_entry.id   5UUH
#
_cell.length_a   125.396
_cell.length_b   55.748
_cell.length_c   48.124
_cell.angle_alpha   90.000
_cell.angle_beta   111.180
_cell.angle_gamma   90.000
#
_symmetry.space_group_name_H-M   'C 1 2 1'
#
loop_
_entity.id
_entity.type
_entity.pdbx_description
1 polymer 'DNA-7-methylguanine glycosylase'
2 polymer "DNA (5'-D(*AP*GP*GP*CP*AP*(ORF)P*AP*GP*C)-3')"
3 polymer "DNA (5'-D(*TP*GP*CP*TP*TP*TP*GP*CP*C)-3')"
4 non-polymer 'CALCIUM ION'
5 non-polymer 'yatakemycin-adenine nucleobase adduct'
6 water water
#
loop_
_entity_poly.entity_id
_entity_poly.type
_entity_poly.pdbx_seq_one_letter_code
_entity_poly.pdbx_strand_id
1 'polypeptide(L)'
;GPVPMHPFVKALQEHFTAHQNPEKAEPMARYMKNHFLFLGIQTPERRQLLKDIIQIHTLPDQKDFQIIIRELWDLPEREF
QAAALDIMQKYKKHINETHIPFLEELIVTKSWWDSVDSIVPTFLGDIFLKHPELISAYIPKWIASDNIWLQRAAILFQLK
YKQKMDEELLFWIIGQLHSSKEFFIQKAIGWVLREYAKTNPDVVWEYVQNNELAPLSKREAIKHIKQNYGINNEKIGETL
S
;
A
2 'polydeoxyribonucleotide' (DA)(DG)(DG)(DC)(DA)(RF5)(DA)(DG)(DC) B
3 'polydeoxyribonucleotide' (DT)(DG)(DC)(DT)(DT)(DT)(DG)(DC)(DC) C
#
# COMPACT_ATOMS: atom_id res chain seq x y z
N MET A 5 11.01 -22.47 -3.91
CA MET A 5 12.08 -23.38 -3.55
C MET A 5 12.53 -23.16 -2.11
N HIS A 6 12.31 -21.98 -1.55
CA HIS A 6 12.70 -21.73 -0.16
C HIS A 6 11.82 -22.60 0.75
N PRO A 7 12.43 -23.34 1.70
CA PRO A 7 11.61 -24.25 2.51
C PRO A 7 10.49 -23.58 3.27
N PHE A 8 10.67 -22.32 3.64
CA PHE A 8 9.63 -21.59 4.37
C PHE A 8 8.44 -21.34 3.44
N VAL A 9 8.73 -20.99 2.20
CA VAL A 9 7.70 -20.75 1.20
C VAL A 9 6.99 -22.06 0.83
N LYS A 10 7.74 -23.14 0.68
CA LYS A 10 7.15 -24.43 0.39
C LYS A 10 6.19 -24.80 1.50
N ALA A 11 6.62 -24.62 2.74
CA ALA A 11 5.75 -24.96 3.88
C ALA A 11 4.51 -24.09 3.93
N LEU A 12 4.67 -22.80 3.64
CA LEU A 12 3.53 -21.89 3.68
C LEU A 12 2.55 -22.26 2.57
N GLN A 13 3.07 -22.55 1.38
CA GLN A 13 2.21 -22.91 0.27
C GLN A 13 1.38 -24.17 0.59
N GLU A 14 2.03 -25.20 1.13
CA GLU A 14 1.34 -26.44 1.48
C GLU A 14 0.25 -26.19 2.51
N HIS A 15 0.57 -25.39 3.53
CA HIS A 15 -0.32 -25.19 4.66
C HIS A 15 -1.50 -24.32 4.23
N PHE A 16 -1.24 -23.29 3.43
CA PHE A 16 -2.33 -22.49 2.90
C PHE A 16 -3.21 -23.36 1.99
N THR A 17 -2.59 -24.12 1.09
CA THR A 17 -3.37 -24.93 0.15
C THR A 17 -4.25 -25.95 0.87
N ALA A 18 -3.72 -26.55 1.93
CA ALA A 18 -4.48 -27.51 2.73
C ALA A 18 -5.68 -26.89 3.43
N HIS A 19 -5.70 -25.56 3.54
CA HIS A 19 -6.78 -24.87 4.24
C HIS A 19 -7.59 -23.95 3.34
N GLN A 20 -7.54 -24.20 2.05
CA GLN A 20 -8.31 -23.40 1.10
C GLN A 20 -9.82 -23.61 1.30
N ASN A 21 -10.60 -22.65 0.81
CA ASN A 21 -12.06 -22.71 0.89
C ASN A 21 -12.64 -22.31 -0.47
N PRO A 22 -12.96 -23.30 -1.30
CA PRO A 22 -13.39 -22.95 -2.67
C PRO A 22 -14.64 -22.09 -2.70
N GLU A 23 -15.48 -22.22 -1.69
CA GLU A 23 -16.72 -21.45 -1.63
C GLU A 23 -16.46 -19.96 -1.38
N LYS A 24 -15.37 -19.62 -0.71
CA LYS A 24 -15.00 -18.22 -0.51
C LYS A 24 -14.14 -17.72 -1.64
N ALA A 25 -13.50 -18.64 -2.37
CA ALA A 25 -12.52 -18.23 -3.37
C ALA A 25 -13.18 -17.41 -4.47
N GLU A 26 -14.40 -17.78 -4.86
CA GLU A 26 -15.03 -17.11 -6.01
C GLU A 26 -15.43 -15.66 -5.69
N PRO A 27 -16.19 -15.44 -4.60
CA PRO A 27 -16.47 -14.03 -4.34
C PRO A 27 -15.25 -13.20 -3.96
N MET A 28 -14.21 -13.80 -3.36
CA MET A 28 -13.02 -13.02 -3.05
C MET A 28 -12.33 -12.55 -4.35
N ALA A 29 -12.29 -13.44 -5.35
CA ALA A 29 -11.67 -13.09 -6.63
C ALA A 29 -12.49 -12.02 -7.35
N ARG A 30 -13.81 -12.14 -7.27
CA ARG A 30 -14.71 -11.16 -7.91
C ARG A 30 -14.51 -9.77 -7.33
N TYR A 31 -14.28 -9.71 -6.02
CA TYR A 31 -14.10 -8.41 -5.34
C TYR A 31 -12.88 -7.70 -5.89
N MET A 32 -11.83 -8.44 -6.29
CA MET A 32 -10.65 -7.82 -6.91
C MET A 32 -10.73 -7.88 -8.42
N LYS A 33 -11.95 -7.83 -8.96
CA LYS A 33 -12.22 -7.71 -10.40
C LYS A 33 -11.62 -8.86 -11.20
N ASN A 34 -11.48 -9.98 -10.52
CA ASN A 34 -10.99 -11.22 -11.11
C ASN A 34 -9.59 -11.04 -11.71
N HIS A 35 -8.80 -10.13 -11.14
CA HIS A 35 -7.41 -10.01 -11.57
C HIS A 35 -6.56 -11.17 -11.07
N PHE A 36 -7.00 -11.81 -9.99
CA PHE A 36 -6.22 -12.85 -9.31
C PHE A 36 -7.05 -14.09 -8.95
N LEU A 37 -6.42 -15.25 -9.01
CA LEU A 37 -6.94 -16.41 -8.30
C LEU A 37 -6.84 -16.22 -6.79
N PHE A 38 -7.76 -16.85 -6.06
CA PHE A 38 -7.73 -16.86 -4.60
C PHE A 38 -7.88 -18.30 -4.11
N LEU A 39 -7.25 -18.60 -2.98
CA LEU A 39 -7.52 -19.86 -2.28
C LEU A 39 -8.83 -19.83 -1.48
N GLY A 40 -9.22 -18.64 -1.03
CA GLY A 40 -10.43 -18.46 -0.23
C GLY A 40 -10.13 -18.38 1.25
N ILE A 41 -9.05 -17.71 1.59
CA ILE A 41 -8.61 -17.58 2.98
C ILE A 41 -8.62 -16.12 3.36
N GLN A 42 -9.53 -15.74 4.26
CA GLN A 42 -9.64 -14.34 4.67
C GLN A 42 -8.57 -13.99 5.72
N THR A 43 -8.43 -12.70 6.03
CA THR A 43 -7.26 -12.21 6.76
C THR A 43 -7.01 -12.87 8.15
N PRO A 44 -8.04 -13.03 8.99
CA PRO A 44 -7.76 -13.67 10.29
C PRO A 44 -7.16 -15.06 10.16
N GLU A 45 -7.75 -15.91 9.32
CA GLU A 45 -7.20 -17.25 9.16
CA GLU A 45 -7.24 -17.24 9.08
C GLU A 45 -5.86 -17.21 8.45
N ARG A 46 -5.68 -16.31 7.48
CA ARG A 46 -4.41 -16.21 6.76
C ARG A 46 -3.27 -15.91 7.72
N ARG A 47 -3.52 -15.03 8.67
CA ARG A 47 -2.46 -14.61 9.57
C ARG A 47 -2.16 -15.71 10.56
N GLN A 48 -3.19 -16.45 10.95
CA GLN A 48 -2.92 -17.56 11.87
C GLN A 48 -2.20 -18.71 11.19
N LEU A 49 -2.51 -18.97 9.92
CA LEU A 49 -1.77 -20.01 9.20
C LEU A 49 -0.30 -19.64 9.07
N LEU A 50 -0.04 -18.35 8.84
CA LEU A 50 1.34 -17.88 8.79
C LEU A 50 2.01 -18.10 10.15
N LYS A 51 1.30 -17.75 11.21
CA LYS A 51 1.83 -17.94 12.55
C LYS A 51 2.19 -19.41 12.79
N ASP A 52 1.35 -20.32 12.30
CA ASP A 52 1.62 -21.74 12.46
C ASP A 52 2.99 -22.10 11.90
N ILE A 53 3.30 -21.57 10.73
CA ILE A 53 4.53 -21.93 10.04
C ILE A 53 5.72 -21.30 10.72
N ILE A 54 5.57 -20.07 11.20
CA ILE A 54 6.62 -19.44 11.97
C ILE A 54 6.90 -20.21 13.24
N GLN A 55 5.86 -20.74 13.88
CA GLN A 55 6.07 -21.48 15.12
C GLN A 55 6.78 -22.80 14.86
N ILE A 56 6.65 -23.35 13.67
CA ILE A 56 7.35 -24.61 13.32
C ILE A 56 8.80 -24.35 12.91
N HIS A 57 8.97 -23.42 11.97
CA HIS A 57 10.23 -23.22 11.27
C HIS A 57 11.15 -22.18 11.92
N THR A 58 10.53 -21.28 12.67
CA THR A 58 11.12 -20.02 13.14
C THR A 58 11.21 -19.06 11.97
N LEU A 59 11.29 -17.78 12.27
CA LEU A 59 11.41 -16.77 11.23
C LEU A 59 12.76 -16.92 10.52
N PRO A 60 12.75 -17.00 9.18
CA PRO A 60 14.03 -17.14 8.46
C PRO A 60 14.98 -15.97 8.68
N ASP A 61 16.26 -16.21 8.46
CA ASP A 61 17.29 -15.20 8.65
C ASP A 61 16.96 -14.05 7.73
N GLN A 62 17.32 -12.84 8.13
CA GLN A 62 16.93 -11.66 7.38
C GLN A 62 17.56 -11.67 5.98
N LYS A 63 18.65 -12.42 5.79
CA LYS A 63 19.28 -12.49 4.48
C LYS A 63 18.34 -13.11 3.44
N ASP A 64 17.28 -13.76 3.92
CA ASP A 64 16.34 -14.48 3.07
C ASP A 64 15.03 -13.75 2.79
N PHE A 65 14.83 -12.58 3.40
CA PHE A 65 13.46 -12.07 3.43
C PHE A 65 13.02 -11.59 2.04
N GLN A 66 13.94 -11.05 1.24
CA GLN A 66 13.57 -10.61 -0.09
C GLN A 66 13.24 -11.81 -0.99
N ILE A 67 14.07 -12.85 -0.89
CA ILE A 67 13.84 -14.10 -1.63
C ILE A 67 12.47 -14.70 -1.29
N ILE A 68 12.14 -14.75 -0.02
CA ILE A 68 10.84 -15.29 0.39
C ILE A 68 9.67 -14.47 -0.18
N ILE A 69 9.78 -13.14 -0.10
CA ILE A 69 8.73 -12.26 -0.61
C ILE A 69 8.61 -12.40 -2.13
N ARG A 70 9.75 -12.48 -2.83
CA ARG A 70 9.72 -12.65 -4.28
C ARG A 70 9.05 -13.98 -4.68
N GLU A 71 9.37 -15.05 -3.98
CA GLU A 71 8.81 -16.35 -4.33
C GLU A 71 7.30 -16.35 -4.06
N LEU A 72 6.88 -15.71 -2.97
CA LEU A 72 5.46 -15.59 -2.67
C LEU A 72 4.75 -14.69 -3.69
N TRP A 73 5.46 -13.69 -4.17
CA TRP A 73 4.88 -12.77 -5.14
C TRP A 73 4.58 -13.52 -6.45
N ASP A 74 5.38 -14.53 -6.75
CA ASP A 74 5.22 -15.31 -7.99
C ASP A 74 4.14 -16.38 -7.94
N LEU A 75 3.63 -16.71 -6.75
CA LEU A 75 2.56 -17.71 -6.68
C LEU A 75 1.23 -17.13 -7.18
N PRO A 76 0.37 -17.97 -7.78
CA PRO A 76 -0.80 -17.40 -8.46
C PRO A 76 -1.85 -16.84 -7.48
N GLU A 77 -2.06 -17.47 -6.34
CA GLU A 77 -3.15 -17.03 -5.48
C GLU A 77 -2.82 -15.78 -4.66
N ARG A 78 -3.80 -14.88 -4.55
CA ARG A 78 -3.55 -13.54 -4.02
C ARG A 78 -3.16 -13.58 -2.54
N GLU A 79 -3.63 -14.58 -1.81
CA GLU A 79 -3.26 -14.62 -0.40
C GLU A 79 -1.75 -14.76 -0.18
N PHE A 80 -1.03 -15.24 -1.18
CA PHE A 80 0.42 -15.35 -1.02
C PHE A 80 1.09 -13.97 -1.07
N GLN A 81 0.53 -13.03 -1.83
CA GLN A 81 1.09 -11.67 -1.78
C GLN A 81 0.69 -10.99 -0.47
N ALA A 82 -0.53 -11.17 0.00
CA ALA A 82 -0.92 -10.60 1.30
C ALA A 82 -0.05 -11.17 2.41
N ALA A 83 0.19 -12.48 2.39
CA ALA A 83 1.07 -13.08 3.39
C ALA A 83 2.50 -12.58 3.28
N ALA A 84 3.00 -12.38 2.06
CA ALA A 84 4.33 -11.78 1.89
C ALA A 84 4.44 -10.43 2.56
N LEU A 85 3.40 -9.62 2.47
CA LEU A 85 3.45 -8.34 3.17
C LEU A 85 3.35 -8.51 4.69
N ASP A 86 2.62 -9.53 5.17
CA ASP A 86 2.62 -9.82 6.61
C ASP A 86 4.03 -10.22 7.06
N ILE A 87 4.71 -10.99 6.22
CA ILE A 87 6.08 -11.39 6.50
C ILE A 87 7.02 -10.18 6.48
N MET A 88 6.84 -9.30 5.51
CA MET A 88 7.74 -8.16 5.41
C MET A 88 7.65 -7.33 6.70
N GLN A 89 6.46 -7.26 7.30
CA GLN A 89 6.26 -6.53 8.54
CA GLN A 89 6.27 -6.52 8.53
C GLN A 89 7.09 -7.12 9.69
N LYS A 90 7.35 -8.41 9.63
CA LYS A 90 8.14 -9.03 10.68
C LYS A 90 9.64 -8.78 10.53
N TYR A 91 10.03 -8.11 9.44
CA TYR A 91 11.43 -7.73 9.21
C TYR A 91 11.62 -6.22 9.25
N LYS A 92 10.61 -5.54 9.79
CA LYS A 92 10.55 -4.09 9.87
C LYS A 92 11.87 -3.43 10.22
N LYS A 93 12.53 -3.95 11.26
CA LYS A 93 13.71 -3.31 11.81
C LYS A 93 14.90 -3.38 10.86
N HIS A 94 14.82 -4.27 9.87
CA HIS A 94 15.89 -4.45 8.89
C HIS A 94 15.64 -3.72 7.57
N ILE A 95 14.47 -3.09 7.45
CA ILE A 95 14.11 -2.37 6.23
C ILE A 95 14.56 -0.92 6.32
N ASN A 96 15.26 -0.47 5.29
CA ASN A 96 15.80 0.88 5.28
C ASN A 96 15.79 1.47 3.86
N GLU A 97 16.51 2.56 3.67
CA GLU A 97 16.43 3.29 2.40
C GLU A 97 16.96 2.47 1.23
N THR A 98 17.82 1.49 1.51
CA THR A 98 18.36 0.68 0.43
C THR A 98 17.31 -0.25 -0.15
N HIS A 99 16.19 -0.39 0.57
CA HIS A 99 15.09 -1.24 0.09
C HIS A 99 14.03 -0.51 -0.71
N ILE A 100 14.18 0.79 -0.93
CA ILE A 100 13.15 1.48 -1.67
C ILE A 100 12.98 0.84 -3.07
N PRO A 101 14.09 0.54 -3.79
CA PRO A 101 13.87 -0.07 -5.11
C PRO A 101 13.12 -1.39 -5.10
N PHE A 102 13.34 -2.20 -4.06
CA PHE A 102 12.60 -3.45 -3.89
C PHE A 102 11.13 -3.18 -3.71
N LEU A 103 10.81 -2.16 -2.91
CA LEU A 103 9.41 -1.81 -2.71
C LEU A 103 8.77 -1.26 -4.00
N GLU A 104 9.54 -0.52 -4.80
CA GLU A 104 9.06 -0.08 -6.12
C GLU A 104 8.67 -1.27 -6.96
N GLU A 105 9.52 -2.31 -6.97
CA GLU A 105 9.24 -3.52 -7.73
CA GLU A 105 9.25 -3.54 -7.70
C GLU A 105 7.92 -4.16 -7.27
N LEU A 106 7.71 -4.23 -5.96
CA LEU A 106 6.47 -4.84 -5.47
C LEU A 106 5.25 -4.00 -5.86
N ILE A 107 5.40 -2.67 -5.87
CA ILE A 107 4.27 -1.80 -6.18
C ILE A 107 3.81 -2.03 -7.61
N VAL A 108 4.75 -2.27 -8.51
CA VAL A 108 4.43 -2.32 -9.94
C VAL A 108 4.24 -3.73 -10.48
N THR A 109 4.30 -4.74 -9.58
CA THR A 109 4.18 -6.14 -9.98
C THR A 109 2.92 -6.72 -9.33
N LYS A 110 2.06 -7.34 -10.13
CA LYS A 110 0.75 -7.83 -9.65
C LYS A 110 0.05 -6.69 -8.90
N SER A 111 0.05 -5.51 -9.52
CA SER A 111 -0.49 -4.32 -8.89
C SER A 111 -2.00 -4.30 -8.73
N TRP A 112 -2.45 -3.92 -7.53
CA TRP A 112 -3.84 -3.56 -7.30
C TRP A 112 -3.88 -2.80 -6.00
N TRP A 113 -5.05 -2.29 -5.61
CA TRP A 113 -5.09 -1.40 -4.46
C TRP A 113 -4.80 -2.12 -3.16
N ASP A 114 -5.10 -3.41 -3.10
CA ASP A 114 -4.92 -4.14 -1.87
C ASP A 114 -3.41 -4.24 -1.55
N SER A 115 -2.58 -4.64 -2.51
CA SER A 115 -1.16 -4.73 -2.24
C SER A 115 -0.49 -3.37 -2.11
N VAL A 116 -0.79 -2.48 -3.04
CA VAL A 116 -0.13 -1.16 -3.05
C VAL A 116 -0.43 -0.39 -1.77
N ASP A 117 -1.69 -0.42 -1.30
CA ASP A 117 -2.02 0.32 -0.08
C ASP A 117 -1.37 -0.33 1.16
N SER A 118 -1.02 -1.62 1.08
CA SER A 118 -0.38 -2.26 2.20
C SER A 118 1.13 -2.05 2.22
N ILE A 119 1.69 -1.58 1.11
CA ILE A 119 3.10 -1.30 1.02
C ILE A 119 3.40 0.14 1.38
N VAL A 120 2.53 1.06 0.95
CA VAL A 120 2.93 2.47 0.86
C VAL A 120 2.92 3.26 2.20
N PRO A 121 1.77 3.35 2.90
CA PRO A 121 1.78 4.26 4.07
C PRO A 121 2.59 3.75 5.25
N THR A 122 2.79 2.44 5.34
CA THR A 122 3.56 1.86 6.42
C THR A 122 5.05 1.80 6.04
N PHE A 123 5.38 1.00 5.05
CA PHE A 123 6.80 0.75 4.77
C PHE A 123 7.49 1.98 4.15
N LEU A 124 6.91 2.55 3.10
CA LEU A 124 7.50 3.73 2.51
C LEU A 124 7.31 4.95 3.41
N GLY A 125 6.16 5.06 4.06
CA GLY A 125 5.95 6.14 5.01
C GLY A 125 7.05 6.19 6.07
N ASP A 126 7.36 5.04 6.66
CA ASP A 126 8.38 5.01 7.69
C ASP A 126 9.79 5.34 7.13
N ILE A 127 10.12 4.79 5.98
CA ILE A 127 11.43 5.06 5.39
C ILE A 127 11.61 6.56 5.12
N PHE A 128 10.60 7.20 4.54
CA PHE A 128 10.76 8.61 4.20
C PHE A 128 10.64 9.53 5.43
N LEU A 129 10.06 9.05 6.54
CA LEU A 129 10.16 9.82 7.78
C LEU A 129 11.59 9.90 8.27
N LYS A 130 12.36 8.83 8.08
CA LYS A 130 13.74 8.80 8.54
C LYS A 130 14.66 9.48 7.52
N HIS A 131 14.27 9.41 6.25
CA HIS A 131 15.09 9.92 5.15
C HIS A 131 14.34 10.88 4.24
N PRO A 132 13.86 12.00 4.80
CA PRO A 132 13.05 12.90 3.99
C PRO A 132 13.87 13.60 2.89
N GLU A 133 15.19 13.62 3.04
CA GLU A 133 16.05 14.18 2.02
C GLU A 133 16.12 13.26 0.78
N LEU A 134 15.53 12.05 0.84
CA LEU A 134 15.49 11.16 -0.32
C LEU A 134 14.17 11.21 -1.10
N ILE A 135 13.19 11.95 -0.58
CA ILE A 135 11.91 12.03 -1.25
C ILE A 135 12.04 12.54 -2.69
N SER A 136 12.90 13.54 -2.90
CA SER A 136 12.99 14.16 -4.22
C SER A 136 13.60 13.22 -5.27
N ALA A 137 14.30 12.17 -4.83
CA ALA A 137 14.84 11.16 -5.74
C ALA A 137 13.80 10.16 -6.25
N TYR A 138 12.63 10.14 -5.60
CA TYR A 138 11.59 9.15 -5.90
C TYR A 138 10.23 9.74 -6.28
N ILE A 139 9.70 10.67 -5.48
CA ILE A 139 8.33 11.10 -5.68
C ILE A 139 8.15 11.79 -7.05
N PRO A 140 9.05 12.70 -7.45
CA PRO A 140 8.86 13.30 -8.79
C PRO A 140 8.88 12.25 -9.91
N LYS A 141 9.80 11.30 -9.81
CA LYS A 141 9.89 10.19 -10.76
C LYS A 141 8.59 9.41 -10.84
N TRP A 142 8.02 9.12 -9.68
CA TRP A 142 6.79 8.35 -9.62
C TRP A 142 5.64 9.12 -10.26
N ILE A 143 5.55 10.42 -9.98
CA ILE A 143 4.49 11.24 -10.55
C ILE A 143 4.62 11.24 -12.07
N ALA A 144 5.84 11.41 -12.57
CA ALA A 144 6.10 11.50 -14.02
C ALA A 144 5.97 10.16 -14.75
N SER A 145 5.94 9.05 -14.01
CA SER A 145 6.00 7.72 -14.63
C SER A 145 4.76 7.30 -15.41
N ASP A 146 3.63 7.91 -15.08
CA ASP A 146 2.34 7.52 -15.63
C ASP A 146 1.95 6.09 -15.21
N ASN A 147 2.66 5.52 -14.23
CA ASN A 147 2.21 4.28 -13.61
C ASN A 147 1.30 4.65 -12.45
N ILE A 148 0.03 4.24 -12.48
CA ILE A 148 -0.93 4.80 -11.53
C ILE A 148 -0.62 4.36 -10.09
N TRP A 149 0.05 3.23 -9.96
CA TRP A 149 0.31 2.69 -8.62
C TRP A 149 1.50 3.42 -7.98
N LEU A 150 2.52 3.79 -8.77
CA LEU A 150 3.55 4.68 -8.24
C LEU A 150 3.00 6.10 -7.97
N GLN A 151 2.06 6.54 -8.77
CA GLN A 151 1.42 7.83 -8.53
C GLN A 151 0.62 7.79 -7.24
N ARG A 152 -0.14 6.71 -7.04
CA ARG A 152 -0.87 6.56 -5.79
C ARG A 152 0.11 6.45 -4.58
N ALA A 153 1.27 5.83 -4.78
CA ALA A 153 2.28 5.81 -3.75
C ALA A 153 2.78 7.19 -3.36
N ALA A 154 3.01 8.06 -4.35
CA ALA A 154 3.40 9.43 -4.08
C ALA A 154 2.38 10.17 -3.24
N ILE A 155 1.10 9.92 -3.51
CA ILE A 155 0.00 10.54 -2.76
C ILE A 155 -0.10 9.97 -1.34
N LEU A 156 -0.04 8.64 -1.20
CA LEU A 156 -0.39 8.03 0.07
C LEU A 156 0.75 7.72 1.01
N PHE A 157 2.01 7.94 0.63
CA PHE A 157 3.08 7.57 1.58
C PHE A 157 2.98 8.39 2.86
N GLN A 158 2.35 9.58 2.82
CA GLN A 158 2.18 10.42 4.00
C GLN A 158 0.84 10.21 4.72
N LEU A 159 0.02 9.24 4.26
CA LEU A 159 -1.36 9.08 4.76
C LEU A 159 -1.48 9.03 6.27
N LYS A 160 -0.58 8.31 6.94
CA LYS A 160 -0.63 8.11 8.39
C LYS A 160 0.17 9.14 9.18
N TYR A 161 0.66 10.19 8.51
CA TYR A 161 1.60 11.07 9.16
C TYR A 161 0.98 12.01 10.24
N LYS A 162 -0.30 12.34 10.10
CA LYS A 162 -0.97 13.23 11.03
C LYS A 162 -0.14 14.51 11.21
N GLN A 163 0.27 14.84 12.43
CA GLN A 163 1.04 16.09 12.70
C GLN A 163 2.39 16.14 12.02
N LYS A 164 2.86 15.03 11.48
CA LYS A 164 4.14 14.99 10.78
C LYS A 164 4.02 15.37 9.31
N MET A 165 2.79 15.53 8.82
CA MET A 165 2.56 15.83 7.40
C MET A 165 3.37 17.02 6.93
N ASP A 166 4.05 16.87 5.78
CA ASP A 166 4.69 17.99 5.08
C ASP A 166 3.61 18.56 4.17
N GLU A 167 2.95 19.60 4.67
CA GLU A 167 1.81 20.19 4.00
C GLU A 167 2.12 20.72 2.59
N GLU A 168 3.20 21.47 2.43
CA GLU A 168 3.53 22.04 1.13
CA GLU A 168 3.52 22.04 1.14
C GLU A 168 3.85 20.93 0.13
N LEU A 169 4.51 19.87 0.60
CA LEU A 169 4.81 18.75 -0.28
C LEU A 169 3.53 18.02 -0.70
N LEU A 170 2.63 17.76 0.26
CA LEU A 170 1.38 17.07 -0.02
C LEU A 170 0.62 17.83 -1.11
N PHE A 171 0.46 19.13 -0.90
CA PHE A 171 -0.32 19.93 -1.84
C PHE A 171 0.35 20.02 -3.21
N TRP A 172 1.68 20.04 -3.26
CA TRP A 172 2.38 20.03 -4.56
C TRP A 172 2.09 18.70 -5.32
N ILE A 173 2.21 17.58 -4.62
CA ILE A 173 1.94 16.28 -5.20
C ILE A 173 0.53 16.22 -5.76
N ILE A 174 -0.43 16.63 -4.93
CA ILE A 174 -1.82 16.61 -5.35
C ILE A 174 -2.05 17.51 -6.57
N GLY A 175 -1.46 18.69 -6.57
CA GLY A 175 -1.59 19.57 -7.73
C GLY A 175 -1.04 18.95 -9.02
N GLN A 176 0.00 18.15 -8.89
CA GLN A 176 0.61 17.53 -10.06
C GLN A 176 -0.29 16.44 -10.63
N LEU A 177 -1.12 15.83 -9.77
CA LEU A 177 -1.92 14.68 -10.17
C LEU A 177 -3.44 14.96 -10.24
N HIS A 178 -3.86 16.18 -9.94
CA HIS A 178 -5.30 16.44 -9.82
C HIS A 178 -6.04 16.29 -11.14
N SER A 179 -5.34 16.48 -12.28
CA SER A 179 -5.98 16.33 -13.57
CA SER A 179 -5.97 16.33 -13.58
C SER A 179 -5.99 14.90 -14.12
N SER A 180 -5.56 13.94 -13.31
CA SER A 180 -5.65 12.53 -13.71
C SER A 180 -7.10 12.11 -13.87
N LYS A 181 -7.38 11.42 -14.97
CA LYS A 181 -8.67 10.78 -15.22
C LYS A 181 -8.91 9.54 -14.35
N GLU A 182 -7.84 9.04 -13.73
CA GLU A 182 -7.83 7.70 -13.15
C GLU A 182 -8.57 7.65 -11.82
N PHE A 183 -9.51 6.71 -11.70
CA PHE A 183 -10.23 6.53 -10.46
C PHE A 183 -9.28 6.42 -9.27
N PHE A 184 -8.25 5.56 -9.37
CA PHE A 184 -7.44 5.30 -8.20
C PHE A 184 -6.57 6.46 -7.77
N ILE A 185 -6.38 7.44 -8.68
CA ILE A 185 -5.66 8.68 -8.37
C ILE A 185 -6.66 9.71 -7.78
N GLN A 186 -7.78 9.93 -8.45
CA GLN A 186 -8.81 10.82 -7.90
C GLN A 186 -9.20 10.39 -6.48
N LYS A 187 -9.35 9.09 -6.27
CA LYS A 187 -9.82 8.62 -4.99
C LYS A 187 -8.75 8.74 -3.91
N ALA A 188 -7.50 8.44 -4.25
CA ALA A 188 -6.39 8.59 -3.32
C ALA A 188 -6.25 10.03 -2.86
N ILE A 189 -6.42 10.98 -3.78
CA ILE A 189 -6.38 12.40 -3.43
C ILE A 189 -7.49 12.74 -2.40
N GLY A 190 -8.69 12.25 -2.62
CA GLY A 190 -9.80 12.46 -1.72
C GLY A 190 -9.47 11.89 -0.35
N TRP A 191 -8.95 10.67 -0.35
CA TRP A 191 -8.61 9.96 0.89
C TRP A 191 -7.56 10.70 1.69
N VAL A 192 -6.43 11.05 1.07
CA VAL A 192 -5.36 11.66 1.87
C VAL A 192 -5.79 13.05 2.38
N LEU A 193 -6.57 13.80 1.60
CA LEU A 193 -7.09 15.07 2.09
C LEU A 193 -8.08 14.91 3.23
N ARG A 194 -9.01 13.96 3.11
CA ARG A 194 -9.96 13.67 4.18
C ARG A 194 -9.22 13.29 5.45
N GLU A 195 -8.21 12.45 5.30
CA GLU A 195 -7.48 11.96 6.46
C GLU A 195 -6.67 13.09 7.10
N TYR A 196 -5.97 13.87 6.28
CA TYR A 196 -5.17 14.94 6.85
C TYR A 196 -6.10 15.98 7.49
N ALA A 197 -7.31 16.15 6.96
CA ALA A 197 -8.26 17.12 7.55
C ALA A 197 -8.65 16.75 8.99
N LYS A 198 -8.42 15.50 9.39
CA LYS A 198 -8.65 15.11 10.77
C LYS A 198 -7.63 15.76 11.70
N THR A 199 -6.50 16.16 11.13
CA THR A 199 -5.39 16.78 11.88
C THR A 199 -5.37 18.29 11.69
N ASN A 200 -5.49 18.73 10.43
CA ASN A 200 -5.32 20.15 10.08
C ASN A 200 -6.44 20.60 9.14
N PRO A 201 -7.67 20.66 9.66
CA PRO A 201 -8.84 20.87 8.80
C PRO A 201 -8.84 22.22 8.09
N ASP A 202 -8.34 23.26 8.76
CA ASP A 202 -8.40 24.59 8.16
C ASP A 202 -7.55 24.66 6.91
N VAL A 203 -6.39 24.01 6.90
CA VAL A 203 -5.54 24.12 5.71
C VAL A 203 -6.06 23.23 4.58
N VAL A 204 -6.68 22.10 4.91
CA VAL A 204 -7.32 21.31 3.86
C VAL A 204 -8.50 22.10 3.26
N TRP A 205 -9.30 22.76 4.11
CA TRP A 205 -10.42 23.53 3.60
C TRP A 205 -9.92 24.64 2.70
N GLU A 206 -8.93 25.40 3.13
CA GLU A 206 -8.34 26.47 2.30
C GLU A 206 -7.84 25.89 0.97
N TYR A 207 -7.18 24.74 1.03
CA TYR A 207 -6.65 24.17 -0.19
C TYR A 207 -7.77 23.84 -1.17
N VAL A 208 -8.80 23.15 -0.69
CA VAL A 208 -9.83 22.68 -1.63
C VAL A 208 -10.70 23.85 -2.13
N GLN A 209 -10.77 24.95 -1.41
CA GLN A 209 -11.55 26.08 -1.87
C GLN A 209 -10.79 26.94 -2.90
N ASN A 210 -9.49 26.71 -3.04
CA ASN A 210 -8.64 27.59 -3.85
C ASN A 210 -7.80 26.90 -4.91
N ASN A 211 -7.96 25.58 -5.04
CA ASN A 211 -7.20 24.80 -6.00
C ASN A 211 -8.11 23.79 -6.67
N GLU A 212 -7.95 23.62 -7.97
CA GLU A 212 -8.79 22.71 -8.75
C GLU A 212 -8.61 21.25 -8.32
N LEU A 213 -9.73 20.55 -8.22
CA LEU A 213 -9.75 19.10 -7.97
C LEU A 213 -10.85 18.46 -8.78
N ALA A 214 -10.68 17.18 -9.11
CA ALA A 214 -11.81 16.43 -9.67
C ALA A 214 -12.95 16.46 -8.62
N PRO A 215 -14.20 16.44 -9.08
CA PRO A 215 -15.34 16.48 -8.13
C PRO A 215 -15.33 15.27 -7.17
N LEU A 216 -14.94 14.07 -7.61
CA LEU A 216 -14.80 12.95 -6.68
C LEU A 216 -13.84 13.31 -5.57
N SER A 217 -12.69 13.85 -5.94
CA SER A 217 -11.65 14.18 -4.98
C SER A 217 -12.14 15.22 -3.98
N LYS A 218 -12.77 16.28 -4.49
CA LYS A 218 -13.22 17.35 -3.61
C LYS A 218 -14.32 16.86 -2.66
N ARG A 219 -15.30 16.13 -3.16
CA ARG A 219 -16.38 15.67 -2.32
C ARG A 219 -15.81 14.77 -1.20
N GLU A 220 -14.95 13.83 -1.58
CA GLU A 220 -14.41 12.91 -0.60
C GLU A 220 -13.56 13.63 0.45
N ALA A 221 -12.86 14.67 0.04
CA ALA A 221 -11.96 15.40 0.93
C ALA A 221 -12.72 16.08 2.07
N ILE A 222 -13.88 16.63 1.75
CA ILE A 222 -14.61 17.52 2.68
C ILE A 222 -15.81 16.82 3.37
N LYS A 223 -15.94 15.52 3.16
CA LYS A 223 -17.02 14.70 3.68
C LYS A 223 -17.35 14.97 5.16
N HIS A 224 -16.32 15.19 5.97
CA HIS A 224 -16.51 15.32 7.41
C HIS A 224 -16.37 16.75 7.91
N ILE A 225 -15.75 17.65 7.16
CA ILE A 225 -15.51 18.98 7.69
C ILE A 225 -16.42 20.04 7.06
N LYS A 226 -17.16 19.69 6.01
CA LYS A 226 -17.95 20.71 5.30
C LYS A 226 -19.02 21.34 6.19
N GLN A 227 -19.53 20.60 7.16
CA GLN A 227 -20.58 21.16 8.01
C GLN A 227 -20.06 22.19 9.01
N ASN A 228 -18.76 22.48 8.98
CA ASN A 228 -18.18 23.52 9.86
C ASN A 228 -17.91 24.88 9.17
N TYR A 229 -18.31 25.03 7.91
CA TYR A 229 -18.02 26.27 7.17
C TYR A 229 -19.24 26.73 6.36
#